data_4RL2
#
_entry.id   4RL2
#
_cell.length_a   38.620
_cell.length_b   77.570
_cell.length_c   132.310
_cell.angle_alpha   90.00
_cell.angle_beta   90.00
_cell.angle_gamma   90.00
#
_symmetry.space_group_name_H-M   'P 21 21 21'
#
loop_
_entity.id
_entity.type
_entity.pdbx_description
1 polymer 'Beta-lactamase NDM-1'
2 non-polymer 'ZINC ION'
3 non-polymer (1R)-2-({(R)-carboxy[(2R,5S)-4-carboxy-5-methyl-5,6-dihydro-2H-1,3-thiazin-2-yl]methyl}amino)-2-oxo-1-phenylethanaminium
4 water water
#
_entity_poly.entity_id   1
_entity_poly.type   'polypeptide(L)'
_entity_poly.pdbx_seq_one_letter_code
;GSHMGEIRPTIGQQMETGDQRFGDLVFRQLAPNVWQHTSYLDMPGFGAVASNGLIVRDGGRVLVVDTAWTDDQTAQILNW
IKQEINLPVALAVVTHAHQDKMGGMDALHAAGIATYANALSNQLAPQEGMVAAQHSLTFAANGWVEPATAPNFGPLKVFY
PGPGHTSDNITVGIDGTDIAFGGCLIKDSKAKSLGNLGDADTEHYAASARAFGAAFPKASMIVMSHSAPDSRAAITHTAR
MADKLR
;
_entity_poly.pdbx_strand_id   A,B
#
loop_
_chem_comp.id
_chem_comp.type
_chem_comp.name
_chem_comp.formula
3S3 non-polymer (1R)-2-({(R)-carboxy[(2R,5S)-4-carboxy-5-methyl-5,6-dihydro-2H-1,3-thiazin-2-yl]methyl}amino)-2-oxo-1-phenylethanaminium 'C16 H20 N3 O5 S 1'
ZN non-polymer 'ZINC ION' 'Zn 2'
#
# COMPACT_ATOMS: atom_id res chain seq x y z
N GLU A 6 -4.45 -19.26 4.51
CA GLU A 6 -4.46 -18.31 3.39
C GLU A 6 -3.76 -16.99 3.70
N ILE A 7 -2.81 -16.61 2.84
CA ILE A 7 -2.06 -15.36 3.00
C ILE A 7 -2.86 -14.18 2.46
N ARG A 8 -3.08 -13.18 3.30
CA ARG A 8 -3.81 -11.97 2.92
C ARG A 8 -2.94 -10.74 3.09
N PRO A 9 -2.27 -10.34 2.01
CA PRO A 9 -1.23 -9.33 2.15
C PRO A 9 -1.78 -7.92 2.33
N THR A 10 -1.05 -7.13 3.10
CA THR A 10 -1.36 -5.72 3.32
C THR A 10 -1.20 -4.94 2.04
N ILE A 11 -0.19 -5.33 1.28
CA ILE A 11 0.12 -4.68 0.03
C ILE A 11 0.25 -5.76 -1.02
N GLY A 12 -0.56 -5.65 -2.07
CA GLY A 12 -0.54 -6.65 -3.10
C GLY A 12 -1.90 -7.30 -3.29
N GLN A 13 -2.07 -7.94 -4.44
CA GLN A 13 -3.32 -8.61 -4.78
C GLN A 13 -3.62 -9.74 -3.80
N GLN A 14 -4.90 -10.03 -3.62
CA GLN A 14 -5.32 -11.10 -2.74
C GLN A 14 -5.35 -12.43 -3.50
N MET A 15 -5.49 -13.54 -2.77
CA MET A 15 -5.51 -14.83 -3.43
C MET A 15 -6.80 -14.99 -4.22
N GLU A 16 -6.74 -15.71 -5.34
CA GLU A 16 -7.89 -15.88 -6.22
C GLU A 16 -8.06 -17.33 -6.62
N THR A 17 -9.25 -17.68 -7.11
CA THR A 17 -9.51 -19.02 -7.62
C THR A 17 -8.48 -19.31 -8.71
N GLY A 18 -7.90 -20.51 -8.67
CA GLY A 18 -6.86 -20.87 -9.62
C GLY A 18 -5.44 -20.73 -9.08
N ASP A 19 -5.27 -19.93 -8.03
CA ASP A 19 -3.97 -19.76 -7.38
C ASP A 19 -3.54 -21.06 -6.69
N GLN A 20 -2.25 -21.39 -6.77
CA GLN A 20 -1.69 -22.58 -6.11
C GLN A 20 -0.83 -22.18 -4.92
N ARG A 21 -1.20 -22.66 -3.73
CA ARG A 21 -0.41 -22.44 -2.54
C ARG A 21 0.69 -23.50 -2.42
N PHE A 22 1.92 -23.08 -2.19
CA PHE A 22 3.05 -24.01 -2.15
C PHE A 22 4.07 -23.45 -1.17
N GLY A 23 4.19 -24.05 0.01
CA GLY A 23 5.00 -23.48 1.06
C GLY A 23 4.44 -22.12 1.47
N ASP A 24 5.28 -21.08 1.44
CA ASP A 24 4.82 -19.72 1.79
C ASP A 24 4.58 -18.87 0.54
N LEU A 25 4.50 -19.54 -0.61
CA LEU A 25 4.40 -18.83 -1.88
C LEU A 25 3.09 -19.16 -2.57
N VAL A 26 2.75 -18.38 -3.59
CA VAL A 26 1.55 -18.63 -4.37
C VAL A 26 1.92 -18.61 -5.83
N PHE A 27 1.40 -19.58 -6.59
CA PHE A 27 1.71 -19.65 -8.01
C PHE A 27 0.43 -19.59 -8.79
N ARG A 28 0.46 -18.92 -9.93
CA ARG A 28 -0.75 -18.75 -10.72
C ARG A 28 -0.39 -18.83 -12.19
N GLN A 29 -1.01 -19.76 -12.89
CA GLN A 29 -0.76 -19.91 -14.32
C GLN A 29 -1.45 -18.80 -15.10
N LEU A 30 -0.70 -18.16 -15.98
CA LEU A 30 -1.19 -17.03 -16.76
C LEU A 30 -1.40 -17.41 -18.22
N ALA A 31 -0.59 -18.35 -18.70
CA ALA A 31 -0.71 -18.87 -20.06
C ALA A 31 -0.23 -20.31 -20.03
N PRO A 32 -0.39 -21.04 -21.14
CA PRO A 32 0.07 -22.44 -21.12
C PRO A 32 1.52 -22.58 -20.67
N ASN A 33 2.36 -21.59 -20.96
CA ASN A 33 3.77 -21.72 -20.61
C ASN A 33 4.28 -20.57 -19.73
N VAL A 34 3.35 -19.85 -19.09
CA VAL A 34 3.76 -18.77 -18.20
C VAL A 34 3.04 -18.81 -16.85
N TRP A 35 3.82 -18.71 -15.78
CA TRP A 35 3.30 -18.60 -14.42
C TRP A 35 3.81 -17.37 -13.71
N GLN A 36 3.01 -16.85 -12.78
CA GLN A 36 3.41 -15.75 -11.90
C GLN A 36 3.80 -16.30 -10.52
N HIS A 37 5.00 -15.95 -10.02
CA HIS A 37 5.30 -16.30 -8.64
C HIS A 37 5.05 -15.12 -7.72
N THR A 38 4.56 -15.44 -6.53
CA THR A 38 4.27 -14.42 -5.54
C THR A 38 4.87 -14.82 -4.20
N SER A 39 5.67 -13.92 -3.62
CA SER A 39 6.29 -14.15 -2.31
C SER A 39 5.93 -13.00 -1.38
N TYR A 40 6.06 -13.24 -0.07
CA TYR A 40 5.61 -12.27 0.92
C TYR A 40 6.67 -11.89 1.94
N LEU A 41 6.83 -10.58 2.12
CA LEU A 41 7.68 -10.08 3.19
C LEU A 41 6.81 -9.61 4.34
N ASP A 42 6.92 -10.27 5.48
CA ASP A 42 6.07 -9.96 6.63
C ASP A 42 6.75 -8.87 7.43
N MET A 43 6.06 -7.74 7.57
CA MET A 43 6.64 -6.61 8.31
C MET A 43 5.92 -6.47 9.64
N PRO A 44 6.67 -6.58 10.76
CA PRO A 44 5.98 -6.55 12.06
C PRO A 44 5.17 -5.29 12.20
N GLY A 45 3.92 -5.45 12.61
CA GLY A 45 3.03 -4.33 12.82
C GLY A 45 2.41 -3.75 11.56
N PHE A 46 2.68 -4.35 10.40
CA PHE A 46 2.23 -3.79 9.12
C PHE A 46 1.60 -4.87 8.24
N GLY A 47 2.13 -6.08 8.35
CA GLY A 47 1.65 -7.19 7.55
C GLY A 47 2.56 -7.52 6.38
N ALA A 48 2.11 -8.42 5.53
CA ALA A 48 2.93 -8.93 4.43
C ALA A 48 2.85 -8.01 3.21
N VAL A 49 3.98 -7.85 2.52
CA VAL A 49 3.97 -7.20 1.22
C VAL A 49 4.19 -8.26 0.15
N ALA A 50 3.25 -8.38 -0.78
CA ALA A 50 3.40 -9.34 -1.84
C ALA A 50 4.32 -8.79 -2.93
N SER A 51 5.11 -9.66 -3.54
CA SER A 51 5.88 -9.28 -4.73
C SER A 51 5.74 -10.37 -5.79
N ASN A 52 5.51 -9.96 -7.04
CA ASN A 52 5.28 -10.90 -8.15
C ASN A 52 6.46 -10.96 -9.09
N GLY A 53 6.76 -12.17 -9.57
CA GLY A 53 7.68 -12.38 -10.68
C GLY A 53 7.10 -13.39 -11.65
N LEU A 54 7.89 -13.78 -12.65
CA LEU A 54 7.40 -14.70 -13.67
C LEU A 54 8.28 -15.95 -13.82
N ILE A 55 7.64 -17.02 -14.25
CA ILE A 55 8.30 -18.27 -14.60
C ILE A 55 7.85 -18.61 -16.02
N VAL A 56 8.80 -18.86 -16.90
CA VAL A 56 8.47 -19.08 -18.29
C VAL A 56 9.03 -20.41 -18.77
N ARG A 57 8.18 -21.27 -19.31
CA ARG A 57 8.72 -22.48 -19.95
C ARG A 57 8.89 -22.18 -21.42
N ASP A 58 10.13 -22.17 -21.88
CA ASP A 58 10.40 -21.96 -23.29
C ASP A 58 11.16 -23.12 -23.92
N GLY A 59 10.40 -23.95 -24.61
CA GLY A 59 10.93 -25.15 -25.21
C GLY A 59 11.28 -26.15 -24.13
N GLY A 60 12.58 -26.29 -23.89
CA GLY A 60 13.10 -27.32 -22.99
C GLY A 60 13.81 -26.75 -21.78
N ARG A 61 13.51 -25.49 -21.45
CA ARG A 61 14.07 -24.90 -20.26
C ARG A 61 13.10 -23.91 -19.63
N VAL A 62 13.43 -23.51 -18.41
CA VAL A 62 12.63 -22.53 -17.67
C VAL A 62 13.45 -21.27 -17.51
N LEU A 63 12.76 -20.14 -17.63
CA LEU A 63 13.38 -18.84 -17.47
C LEU A 63 12.63 -18.13 -16.35
N VAL A 64 13.38 -17.56 -15.42
CA VAL A 64 12.82 -16.92 -14.26
C VAL A 64 13.03 -15.41 -14.37
N VAL A 65 11.97 -14.63 -14.13
CA VAL A 65 12.09 -13.19 -14.03
C VAL A 65 11.82 -12.77 -12.59
N ASP A 66 12.82 -12.13 -11.97
CA ASP A 66 12.85 -11.69 -10.59
C ASP A 66 12.95 -12.84 -9.58
N THR A 67 13.70 -12.61 -8.51
CA THR A 67 13.76 -13.53 -7.37
C THR A 67 12.56 -13.25 -6.46
N ALA A 68 12.39 -14.06 -5.43
CA ALA A 68 11.50 -13.72 -4.32
C ALA A 68 12.24 -12.77 -3.37
N TRP A 69 11.55 -12.32 -2.31
CA TRP A 69 12.16 -11.40 -1.34
C TRP A 69 13.45 -11.94 -0.72
N THR A 70 13.47 -13.24 -0.42
CA THR A 70 14.59 -13.84 0.32
C THR A 70 15.15 -15.06 -0.39
N ASP A 71 16.28 -15.56 0.11
CA ASP A 71 16.93 -16.73 -0.46
C ASP A 71 16.02 -17.93 -0.27
N ASP A 72 15.52 -18.09 0.96
CA ASP A 72 14.68 -19.24 1.27
C ASP A 72 13.45 -19.27 0.39
N GLN A 73 12.79 -18.12 0.22
CA GLN A 73 11.65 -18.08 -0.69
C GLN A 73 12.05 -18.41 -2.12
N THR A 74 13.19 -17.92 -2.56
CA THR A 74 13.60 -18.16 -3.93
C THR A 74 13.96 -19.65 -4.12
N ALA A 75 14.55 -20.26 -3.11
CA ALA A 75 14.78 -21.73 -3.18
C ALA A 75 13.44 -22.47 -3.30
N GLN A 76 12.42 -21.99 -2.60
CA GLN A 76 11.08 -22.56 -2.76
C GLN A 76 10.57 -22.45 -4.20
N ILE A 77 10.82 -21.32 -4.85
CA ILE A 77 10.42 -21.20 -6.25
C ILE A 77 11.09 -22.28 -7.09
N LEU A 78 12.40 -22.46 -6.87
CA LEU A 78 13.14 -23.48 -7.61
C LEU A 78 12.59 -24.88 -7.35
N ASN A 79 12.17 -25.14 -6.12
CA ASN A 79 11.55 -26.43 -5.79
C ASN A 79 10.17 -26.62 -6.45
N TRP A 80 9.38 -25.55 -6.51
CA TRP A 80 8.12 -25.60 -7.21
C TRP A 80 8.33 -25.91 -8.69
N ILE A 81 9.30 -25.24 -9.29
CA ILE A 81 9.64 -25.45 -10.70
C ILE A 81 10.02 -26.91 -11.01
N LYS A 82 10.85 -27.48 -10.16
CA LYS A 82 11.29 -28.87 -10.29
C LYS A 82 10.09 -29.81 -10.19
N GLN A 83 9.20 -29.54 -9.25
CA GLN A 83 7.99 -30.33 -9.06
C GLN A 83 7.02 -30.21 -10.25
N GLU A 84 6.66 -28.98 -10.61
CA GLU A 84 5.57 -28.75 -11.57
C GLU A 84 6.01 -28.84 -13.03
N ILE A 85 7.23 -28.44 -13.31
CA ILE A 85 7.66 -28.29 -14.69
C ILE A 85 8.74 -29.30 -15.01
N ASN A 86 9.68 -29.45 -14.08
CA ASN A 86 10.73 -30.49 -14.20
C ASN A 86 11.59 -30.32 -15.47
N LEU A 87 11.92 -29.07 -15.79
CA LEU A 87 12.94 -28.81 -16.79
C LEU A 87 14.00 -27.93 -16.12
N PRO A 88 15.21 -27.92 -16.67
CA PRO A 88 16.27 -27.10 -16.06
C PRO A 88 15.92 -25.61 -16.12
N VAL A 89 16.33 -24.85 -15.11
CA VAL A 89 16.24 -23.40 -15.20
C VAL A 89 17.49 -22.90 -15.91
N ALA A 90 17.32 -22.40 -17.14
CA ALA A 90 18.47 -22.00 -17.95
C ALA A 90 19.09 -20.68 -17.48
N LEU A 91 18.26 -19.77 -16.97
CA LEU A 91 18.71 -18.45 -16.53
C LEU A 91 17.62 -17.70 -15.77
N ALA A 92 18.04 -16.69 -15.01
CA ALA A 92 17.12 -15.76 -14.39
C ALA A 92 17.56 -14.32 -14.71
N VAL A 93 16.60 -13.44 -14.95
CA VAL A 93 16.89 -12.03 -15.09
C VAL A 93 16.13 -11.27 -14.00
N VAL A 94 16.80 -10.33 -13.35
CA VAL A 94 16.17 -9.50 -12.31
C VAL A 94 15.94 -8.06 -12.82
N THR A 95 14.84 -7.42 -12.45
CA THR A 95 14.47 -6.20 -13.16
C THR A 95 14.91 -4.88 -12.49
N HIS A 96 15.43 -4.96 -11.26
CA HIS A 96 16.33 -3.91 -10.74
C HIS A 96 16.84 -4.28 -9.34
N ALA A 97 17.71 -3.45 -8.80
CA ALA A 97 18.40 -3.78 -7.56
C ALA A 97 17.64 -3.28 -6.34
N HIS A 98 16.51 -3.94 -6.07
CA HIS A 98 15.75 -3.78 -4.82
C HIS A 98 15.39 -5.17 -4.29
N GLN A 99 15.08 -5.22 -2.99
CA GLN A 99 14.93 -6.49 -2.29
C GLN A 99 13.83 -7.37 -2.93
N ASP A 100 12.72 -6.76 -3.33
CA ASP A 100 11.64 -7.56 -3.85
C ASP A 100 11.99 -8.23 -5.17
N LYS A 101 12.97 -7.68 -5.89
CA LYS A 101 13.34 -8.21 -7.20
C LYS A 101 14.65 -8.99 -7.18
N MET A 102 15.49 -8.74 -6.19
CA MET A 102 16.86 -9.29 -6.24
C MET A 102 17.33 -9.89 -4.90
N GLY A 103 16.43 -9.93 -3.91
CA GLY A 103 16.77 -10.40 -2.58
C GLY A 103 17.21 -11.86 -2.46
N GLY A 104 16.86 -12.69 -3.44
CA GLY A 104 17.13 -14.12 -3.34
C GLY A 104 18.21 -14.63 -4.27
N MET A 105 19.09 -13.73 -4.72
CA MET A 105 20.13 -14.09 -5.68
C MET A 105 21.05 -15.24 -5.23
N ASP A 106 21.41 -15.28 -3.95
CA ASP A 106 22.28 -16.36 -3.46
C ASP A 106 21.68 -17.74 -3.70
N ALA A 107 20.36 -17.84 -3.61
CA ALA A 107 19.67 -19.11 -3.84
C ALA A 107 19.83 -19.56 -5.30
N LEU A 108 19.77 -18.61 -6.22
CA LEU A 108 19.94 -18.91 -7.64
C LEU A 108 21.37 -19.39 -7.92
N HIS A 109 22.33 -18.72 -7.30
CA HIS A 109 23.72 -19.07 -7.49
C HIS A 109 24.06 -20.41 -6.86
N ALA A 110 23.53 -20.64 -5.66
CA ALA A 110 23.70 -21.94 -5.00
C ALA A 110 23.25 -23.09 -5.90
N ALA A 111 22.22 -22.82 -6.71
CA ALA A 111 21.64 -23.85 -7.57
C ALA A 111 22.29 -23.88 -8.95
N GLY A 112 23.26 -23.01 -9.17
CA GLY A 112 24.05 -23.06 -10.39
C GLY A 112 23.38 -22.42 -11.59
N ILE A 113 22.49 -21.47 -11.32
CA ILE A 113 21.70 -20.83 -12.36
C ILE A 113 22.39 -19.55 -12.84
N ALA A 114 22.57 -19.41 -14.14
CA ALA A 114 23.14 -18.17 -14.68
C ALA A 114 22.21 -16.98 -14.46
N THR A 115 22.72 -15.91 -13.86
CA THR A 115 21.86 -14.78 -13.55
C THR A 115 22.28 -13.53 -14.32
N TYR A 116 21.28 -12.75 -14.72
CA TYR A 116 21.45 -11.55 -15.55
C TYR A 116 20.75 -10.35 -14.95
N ALA A 117 21.40 -9.19 -15.02
CA ALA A 117 20.77 -7.93 -14.65
C ALA A 117 21.34 -6.76 -15.49
N ASN A 118 20.57 -5.69 -15.60
CA ASN A 118 21.12 -4.43 -16.07
C ASN A 118 22.50 -4.20 -15.42
N ALA A 119 23.50 -3.83 -16.22
CA ALA A 119 24.83 -3.49 -15.67
C ALA A 119 24.70 -2.54 -14.49
N LEU A 120 23.85 -1.53 -14.66
CA LEU A 120 23.60 -0.53 -13.62
C LEU A 120 23.07 -1.18 -12.35
N SER A 121 22.27 -2.23 -12.51
CA SER A 121 21.70 -2.91 -11.33
C SER A 121 22.80 -3.62 -10.57
N ASN A 122 23.74 -4.19 -11.32
CA ASN A 122 24.86 -4.88 -10.70
C ASN A 122 25.76 -3.90 -10.00
N GLN A 123 25.90 -2.71 -10.59
CA GLN A 123 26.70 -1.64 -10.01
C GLN A 123 26.04 -1.10 -8.74
N LEU A 124 24.72 -0.99 -8.76
CA LEU A 124 23.99 -0.52 -7.59
C LEU A 124 23.82 -1.57 -6.49
N ALA A 125 23.94 -2.85 -6.87
CA ALA A 125 23.64 -3.95 -5.96
C ALA A 125 24.33 -3.81 -4.61
N PRO A 126 25.65 -3.57 -4.60
CA PRO A 126 26.37 -3.47 -3.33
C PRO A 126 25.79 -2.40 -2.40
N GLN A 127 25.56 -1.20 -2.91
CA GLN A 127 24.99 -0.13 -2.10
C GLN A 127 23.58 -0.49 -1.62
N GLU A 128 22.84 -1.25 -2.44
CA GLU A 128 21.47 -1.62 -2.07
C GLU A 128 21.42 -2.85 -1.21
N GLY A 129 22.57 -3.43 -0.91
CA GLY A 129 22.62 -4.61 -0.06
C GLY A 129 22.09 -5.83 -0.80
N MET A 130 22.20 -5.79 -2.12
CA MET A 130 21.83 -6.95 -2.96
C MET A 130 23.10 -7.67 -3.42
N VAL A 131 22.96 -8.96 -3.75
CA VAL A 131 24.05 -9.68 -4.41
C VAL A 131 23.93 -9.47 -5.92
N ALA A 132 25.03 -9.05 -6.55
CA ALA A 132 25.03 -8.75 -7.98
C ALA A 132 24.85 -10.03 -8.77
N ALA A 133 24.19 -9.95 -9.92
CA ALA A 133 24.07 -11.13 -10.79
C ALA A 133 25.41 -11.48 -11.39
N GLN A 134 25.48 -12.66 -11.99
CA GLN A 134 26.70 -13.09 -12.63
C GLN A 134 27.04 -12.28 -13.87
N HIS A 135 26.00 -11.90 -14.62
CA HIS A 135 26.17 -11.25 -15.91
C HIS A 135 25.45 -9.92 -15.99
N SER A 136 25.99 -9.02 -16.82
CA SER A 136 25.45 -7.69 -16.97
C SER A 136 24.88 -7.53 -18.35
N LEU A 137 23.64 -7.04 -18.41
CA LEU A 137 23.00 -6.65 -19.65
C LEU A 137 23.34 -5.19 -19.97
N THR A 138 23.58 -4.89 -21.24
CA THR A 138 23.71 -3.49 -21.65
C THR A 138 22.67 -3.22 -22.73
N PHE A 139 22.38 -1.95 -22.97
CA PHE A 139 21.27 -1.57 -23.83
C PHE A 139 21.68 -0.59 -24.92
N ALA A 140 20.98 -0.65 -26.06
CA ALA A 140 21.16 0.34 -27.12
C ALA A 140 20.52 1.66 -26.74
N ALA A 141 20.79 2.71 -27.52
CA ALA A 141 20.17 3.99 -27.23
C ALA A 141 18.65 3.95 -27.38
N ASN A 142 18.12 2.96 -28.11
CA ASN A 142 16.64 2.89 -28.24
C ASN A 142 16.00 2.06 -27.11
N GLY A 143 16.84 1.54 -26.21
CA GLY A 143 16.35 0.83 -25.05
C GLY A 143 16.36 -0.70 -25.16
N TRP A 144 16.50 -1.24 -26.36
CA TRP A 144 16.53 -2.69 -26.51
C TRP A 144 17.86 -3.29 -26.05
N VAL A 145 17.77 -4.41 -25.35
CA VAL A 145 18.96 -5.09 -24.85
C VAL A 145 19.92 -5.37 -26.02
N GLU A 146 21.21 -5.18 -25.80
CA GLU A 146 22.23 -5.65 -26.75
C GLU A 146 22.25 -7.17 -26.78
N PRO A 147 21.83 -7.79 -27.89
CA PRO A 147 21.64 -9.25 -27.92
C PRO A 147 22.86 -10.09 -27.44
N ALA A 148 24.08 -9.64 -27.71
CA ALA A 148 25.28 -10.36 -27.29
C ALA A 148 25.38 -10.52 -25.78
N THR A 149 24.74 -9.63 -25.03
CA THR A 149 24.80 -9.72 -23.57
C THR A 149 23.60 -10.48 -23.02
N ALA A 150 22.66 -10.85 -23.88
CA ALA A 150 21.53 -11.66 -23.47
C ALA A 150 21.51 -12.96 -24.26
N PRO A 151 22.54 -13.81 -24.09
CA PRO A 151 22.63 -15.10 -24.75
C PRO A 151 21.58 -16.08 -24.26
N ASN A 152 20.82 -16.62 -25.22
CA ASN A 152 19.93 -17.74 -24.97
C ASN A 152 18.65 -17.30 -24.26
N PHE A 153 18.27 -16.03 -24.43
CA PHE A 153 17.08 -15.54 -23.75
C PHE A 153 15.80 -16.03 -24.44
N GLY A 154 15.91 -16.53 -25.66
CA GLY A 154 14.75 -17.05 -26.37
C GLY A 154 13.63 -16.05 -26.57
N PRO A 155 12.44 -16.33 -26.00
CA PRO A 155 11.29 -15.43 -26.12
C PRO A 155 11.37 -14.20 -25.19
N LEU A 156 12.26 -14.23 -24.20
CA LEU A 156 12.42 -13.07 -23.32
C LEU A 156 13.00 -11.85 -24.03
N LYS A 157 12.15 -10.87 -24.33
CA LYS A 157 12.62 -9.64 -24.94
C LYS A 157 12.82 -8.57 -23.87
N VAL A 158 14.07 -8.20 -23.61
CA VAL A 158 14.39 -7.26 -22.53
C VAL A 158 14.54 -5.81 -23.02
N PHE A 159 13.84 -4.90 -22.35
CA PHE A 159 13.76 -3.49 -22.74
C PHE A 159 14.03 -2.57 -21.55
N TYR A 160 14.98 -1.65 -21.72
CA TYR A 160 15.21 -0.61 -20.74
C TYR A 160 14.44 0.66 -21.16
N PRO A 161 13.38 1.00 -20.40
CA PRO A 161 12.45 2.03 -20.87
C PRO A 161 12.90 3.44 -20.56
N GLY A 162 13.98 3.58 -19.79
CA GLY A 162 14.43 4.87 -19.29
C GLY A 162 14.17 4.88 -17.79
N PRO A 163 14.70 5.87 -17.10
CA PRO A 163 14.54 5.86 -15.63
C PRO A 163 13.09 6.16 -15.26
N GLY A 164 12.63 5.57 -14.16
CA GLY A 164 11.27 5.79 -13.69
C GLY A 164 11.17 5.45 -12.21
N HIS A 165 10.75 4.22 -11.92
CA HIS A 165 10.76 3.74 -10.56
C HIS A 165 12.16 3.87 -9.97
N THR A 166 13.14 3.48 -10.77
CA THR A 166 14.55 3.66 -10.43
C THR A 166 15.35 4.02 -11.68
N SER A 167 16.62 4.33 -11.49
CA SER A 167 17.52 4.59 -12.60
C SER A 167 17.71 3.33 -13.45
N ASP A 168 17.62 2.17 -12.81
CA ASP A 168 18.06 0.92 -13.46
C ASP A 168 16.93 -0.03 -13.89
N ASN A 169 15.66 0.36 -13.73
CA ASN A 169 14.58 -0.60 -13.94
C ASN A 169 14.50 -1.09 -15.39
N ILE A 170 14.39 -2.40 -15.56
CA ILE A 170 14.11 -2.93 -16.89
C ILE A 170 12.81 -3.71 -16.92
N THR A 171 12.38 -4.05 -18.14
CA THR A 171 11.10 -4.66 -18.41
C THR A 171 11.31 -5.82 -19.38
N VAL A 172 10.32 -6.72 -19.49
CA VAL A 172 10.48 -7.95 -20.26
C VAL A 172 9.17 -8.34 -20.98
N GLY A 173 9.24 -8.59 -22.28
CA GLY A 173 8.06 -9.05 -23.02
C GLY A 173 8.29 -10.52 -23.33
N ILE A 174 7.22 -11.30 -23.45
CA ILE A 174 7.37 -12.73 -23.71
C ILE A 174 6.86 -13.04 -25.10
N ASP A 175 7.79 -13.17 -26.04
CA ASP A 175 7.46 -13.40 -27.43
C ASP A 175 6.56 -14.62 -27.59
N GLY A 176 5.54 -14.51 -28.43
CA GLY A 176 4.61 -15.60 -28.64
C GLY A 176 3.48 -15.64 -27.63
N THR A 177 3.52 -14.72 -26.67
CA THR A 177 2.44 -14.59 -25.69
C THR A 177 1.86 -13.18 -25.76
N ASP A 178 0.82 -12.92 -24.98
CA ASP A 178 0.30 -11.56 -24.90
C ASP A 178 0.68 -10.96 -23.57
N ILE A 179 1.82 -11.40 -23.02
CA ILE A 179 2.24 -10.93 -21.70
C ILE A 179 3.52 -10.09 -21.74
N ALA A 180 3.51 -8.98 -21.02
CA ALA A 180 4.72 -8.23 -20.78
C ALA A 180 4.79 -7.90 -19.29
N PHE A 181 6.02 -7.78 -18.79
CA PHE A 181 6.24 -7.64 -17.36
C PHE A 181 6.83 -6.27 -17.09
N GLY A 182 6.14 -5.47 -16.29
CA GLY A 182 6.55 -4.11 -16.01
C GLY A 182 7.28 -3.94 -14.69
N GLY A 183 7.35 -5.01 -13.90
CA GLY A 183 8.00 -4.96 -12.60
C GLY A 183 7.43 -3.87 -11.71
N CYS A 184 8.28 -3.12 -11.02
CA CYS A 184 7.78 -2.06 -10.13
C CYS A 184 7.56 -0.74 -10.87
N LEU A 185 7.93 -0.69 -12.15
CA LEU A 185 7.73 0.52 -12.96
C LEU A 185 6.25 0.81 -13.16
N ILE A 186 5.50 -0.24 -13.47
CA ILE A 186 4.08 -0.10 -13.84
C ILE A 186 3.17 -0.47 -12.69
N LYS A 187 2.21 0.40 -12.37
CA LYS A 187 1.20 0.10 -11.35
C LYS A 187 -0.14 -0.19 -12.02
N ASP A 188 -1.07 -0.79 -11.28
CA ASP A 188 -2.31 -1.23 -11.94
C ASP A 188 -3.22 -0.06 -12.24
N SER A 189 -4.20 -0.31 -13.10
CA SER A 189 -5.09 0.73 -13.60
C SER A 189 -5.98 1.37 -12.52
N LYS A 190 -6.02 0.76 -11.34
CA LYS A 190 -6.76 1.34 -10.21
C LYS A 190 -5.85 1.84 -9.10
N ALA A 191 -4.55 1.99 -9.39
CA ALA A 191 -3.58 2.37 -8.37
C ALA A 191 -3.79 3.81 -7.91
N LYS A 192 -3.65 4.06 -6.61
CA LYS A 192 -3.76 5.43 -6.13
C LYS A 192 -2.39 6.13 -6.09
N SER A 193 -1.30 5.36 -6.10
CA SER A 193 0.03 5.99 -6.13
C SER A 193 1.02 5.22 -7.00
N LEU A 194 2.20 5.80 -7.18
CA LEU A 194 3.26 5.15 -7.93
C LEU A 194 4.18 4.35 -7.00
N GLY A 195 3.65 3.96 -5.84
CA GLY A 195 4.46 3.26 -4.85
C GLY A 195 5.65 4.07 -4.34
N ASN A 196 6.76 3.40 -4.06
CA ASN A 196 7.89 4.10 -3.47
C ASN A 196 8.60 4.99 -4.51
N LEU A 197 8.58 6.30 -4.29
CA LEU A 197 9.21 7.24 -5.21
C LEU A 197 10.60 7.69 -4.74
N GLY A 198 11.09 7.10 -3.67
CA GLY A 198 12.39 7.49 -3.14
C GLY A 198 13.56 7.47 -4.12
N ASP A 199 13.53 6.57 -5.09
CA ASP A 199 14.62 6.47 -6.07
C ASP A 199 14.13 6.86 -7.46
N ALA A 200 12.92 7.37 -7.55
CA ALA A 200 12.29 7.56 -8.84
C ALA A 200 12.84 8.77 -9.58
N ASP A 201 12.82 8.71 -10.90
CA ASP A 201 13.15 9.84 -11.75
C ASP A 201 11.85 10.57 -12.12
N THR A 202 11.49 11.60 -11.35
CA THR A 202 10.14 12.15 -11.48
C THR A 202 9.95 12.87 -12.81
N GLU A 203 11.04 13.39 -13.39
CA GLU A 203 10.93 14.06 -14.68
C GLU A 203 10.65 13.08 -15.80
N HIS A 204 11.33 11.94 -15.76
CA HIS A 204 11.30 11.01 -16.89
C HIS A 204 10.34 9.79 -16.74
N TYR A 205 9.73 9.66 -15.57
CA TYR A 205 8.88 8.49 -15.27
C TYR A 205 7.78 8.31 -16.33
N ALA A 206 7.04 9.38 -16.63
CA ALA A 206 5.94 9.30 -17.59
C ALA A 206 6.38 8.74 -18.95
N ALA A 207 7.45 9.29 -19.51
CA ALA A 207 7.92 8.84 -20.80
C ALA A 207 8.43 7.40 -20.72
N SER A 208 9.05 7.05 -19.62
CA SER A 208 9.54 5.68 -19.44
C SER A 208 8.36 4.72 -19.42
N ALA A 209 7.29 5.08 -18.71
CA ALA A 209 6.09 4.22 -18.67
C ALA A 209 5.51 4.01 -20.09
N ARG A 210 5.32 5.11 -20.82
CA ARG A 210 4.84 5.06 -22.22
C ARG A 210 5.81 4.35 -23.17
N ALA A 211 7.12 4.44 -22.92
CA ALA A 211 8.10 3.74 -23.78
C ALA A 211 7.94 2.24 -23.59
N PHE A 212 7.59 1.84 -22.36
CA PHE A 212 7.32 0.42 -22.09
C PHE A 212 6.17 -0.12 -22.94
N GLY A 213 5.07 0.65 -22.99
CA GLY A 213 3.89 0.28 -23.76
C GLY A 213 4.19 0.23 -25.24
N ALA A 214 4.97 1.19 -25.73
CA ALA A 214 5.36 1.24 -27.14
C ALA A 214 6.33 0.11 -27.53
N ALA A 215 7.13 -0.34 -26.56
CA ALA A 215 8.05 -1.46 -26.76
C ALA A 215 7.32 -2.80 -26.93
N PHE A 216 6.19 -2.98 -26.26
CA PHE A 216 5.47 -4.26 -26.33
C PHE A 216 4.00 -4.09 -26.72
N PRO A 217 3.75 -3.65 -27.96
CA PRO A 217 2.37 -3.39 -28.38
C PRO A 217 1.50 -4.65 -28.37
N LYS A 218 2.12 -5.82 -28.40
CA LYS A 218 1.37 -7.06 -28.46
C LYS A 218 0.90 -7.51 -27.08
N ALA A 219 1.45 -6.91 -26.03
CA ALA A 219 1.14 -7.34 -24.68
C ALA A 219 -0.25 -6.89 -24.26
N SER A 220 -1.14 -7.85 -24.16
CA SER A 220 -2.52 -7.60 -23.76
C SER A 220 -2.68 -7.72 -22.24
N MET A 221 -1.80 -8.53 -21.65
CA MET A 221 -1.81 -8.81 -20.21
C MET A 221 -0.57 -8.22 -19.60
N ILE A 222 -0.75 -7.20 -18.76
CA ILE A 222 0.39 -6.53 -18.15
C ILE A 222 0.60 -7.03 -16.74
N VAL A 223 1.77 -7.61 -16.52
CA VAL A 223 2.11 -8.20 -15.25
C VAL A 223 3.03 -7.25 -14.51
N MET A 224 2.84 -7.17 -13.20
CA MET A 224 3.60 -6.19 -12.41
C MET A 224 3.85 -6.69 -10.99
N SER A 225 4.72 -6.00 -10.27
CA SER A 225 5.26 -6.51 -9.00
C SER A 225 4.26 -6.63 -7.84
N HIS A 226 3.28 -5.73 -7.75
CA HIS A 226 2.44 -5.72 -6.54
C HIS A 226 0.94 -5.61 -6.78
N SER A 227 0.50 -6.04 -7.97
CA SER A 227 -0.91 -6.08 -8.37
C SER A 227 -1.11 -7.32 -9.20
N ALA A 228 -2.36 -7.77 -9.32
CA ALA A 228 -2.68 -8.85 -10.23
C ALA A 228 -2.55 -8.37 -11.69
N PRO A 229 -2.39 -9.30 -12.64
CA PRO A 229 -2.24 -8.90 -14.04
C PRO A 229 -3.38 -8.01 -14.52
N ASP A 230 -3.07 -6.98 -15.29
CA ASP A 230 -4.06 -5.98 -15.69
C ASP A 230 -4.04 -5.83 -17.20
N SER A 231 -4.99 -5.08 -17.73
CA SER A 231 -4.98 -4.73 -19.14
C SER A 231 -3.95 -3.61 -19.40
N ARG A 232 -3.88 -3.15 -20.63
CA ARG A 232 -2.95 -2.08 -20.97
C ARG A 232 -3.29 -0.77 -20.28
N ALA A 233 -4.47 -0.70 -19.63
CA ALA A 233 -4.87 0.52 -18.93
C ALA A 233 -3.95 0.80 -17.74
N ALA A 234 -3.31 -0.25 -17.25
CA ALA A 234 -2.24 -0.11 -16.27
C ALA A 234 -1.18 0.88 -16.75
N ILE A 235 -0.76 0.71 -17.99
CA ILE A 235 0.29 1.54 -18.55
C ILE A 235 -0.16 2.98 -18.66
N THR A 236 -1.31 3.18 -19.30
CA THR A 236 -1.91 4.51 -19.45
C THR A 236 -2.03 5.20 -18.09
N HIS A 237 -2.59 4.47 -17.13
CA HIS A 237 -2.87 5.05 -15.83
C HIS A 237 -1.59 5.36 -15.06
N THR A 238 -0.60 4.47 -15.17
CA THR A 238 0.74 4.74 -14.60
C THR A 238 1.33 6.02 -15.21
N ALA A 239 1.24 6.17 -16.53
CA ALA A 239 1.82 7.32 -17.22
C ALA A 239 1.14 8.64 -16.80
N ARG A 240 -0.18 8.61 -16.69
CA ARG A 240 -0.92 9.79 -16.29
C ARG A 240 -0.67 10.17 -14.85
N MET A 241 -0.48 9.18 -13.97
CA MET A 241 -0.07 9.49 -12.62
C MET A 241 1.32 10.15 -12.65
N ALA A 242 2.22 9.59 -13.44
CA ALA A 242 3.57 10.14 -13.53
C ALA A 242 3.57 11.55 -14.16
N ASP A 243 2.59 11.82 -15.02
CA ASP A 243 2.48 13.14 -15.63
C ASP A 243 2.38 14.19 -14.54
N LYS A 244 1.75 13.82 -13.43
CA LYS A 244 1.51 14.78 -12.33
C LYS A 244 2.76 15.11 -11.50
N LEU A 245 3.84 14.40 -11.75
CA LEU A 245 5.09 14.66 -11.05
C LEU A 245 5.91 15.76 -11.74
N ARG A 246 5.54 16.12 -12.97
CA ARG A 246 6.40 17.01 -13.76
C ARG A 246 5.65 18.22 -14.29
N GLU B 6 7.38 18.78 -2.30
CA GLU B 6 6.18 18.00 -1.94
C GLU B 6 6.54 16.69 -1.26
N ILE B 7 5.72 16.31 -0.29
CA ILE B 7 5.80 14.98 0.26
C ILE B 7 4.97 14.09 -0.65
N ARG B 8 5.56 12.99 -1.09
CA ARG B 8 4.86 12.04 -1.95
C ARG B 8 4.85 10.66 -1.32
N PRO B 9 3.82 10.40 -0.49
CA PRO B 9 3.82 9.16 0.28
C PRO B 9 3.70 7.93 -0.62
N THR B 10 4.23 6.82 -0.14
CA THR B 10 4.06 5.54 -0.80
C THR B 10 2.61 5.08 -0.63
N ILE B 11 2.09 5.26 0.58
CA ILE B 11 0.68 5.04 0.88
C ILE B 11 0.06 6.33 1.38
N GLY B 12 -1.03 6.75 0.75
CA GLY B 12 -1.69 7.97 1.17
C GLY B 12 -1.92 8.87 -0.02
N GLN B 13 -2.80 9.85 0.14
CA GLN B 13 -3.11 10.74 -0.98
C GLN B 13 -1.94 11.68 -1.27
N GLN B 14 -1.91 12.21 -2.48
CA GLN B 14 -0.85 13.13 -2.87
C GLN B 14 -1.29 14.57 -2.62
N MET B 15 -0.34 15.50 -2.70
CA MET B 15 -0.65 16.92 -2.52
C MET B 15 -1.65 17.39 -3.55
N GLU B 16 -2.59 18.22 -3.13
CA GLU B 16 -3.54 18.83 -4.04
C GLU B 16 -3.56 20.33 -3.80
N THR B 17 -3.93 21.09 -4.83
CA THR B 17 -4.13 22.53 -4.66
C THR B 17 -5.00 22.77 -3.45
N GLY B 18 -4.61 23.73 -2.63
CA GLY B 18 -5.37 24.04 -1.42
C GLY B 18 -4.81 23.41 -0.16
N ASP B 19 -4.02 22.35 -0.31
CA ASP B 19 -3.40 21.72 0.84
C ASP B 19 -2.40 22.66 1.52
N GLN B 20 -2.39 22.67 2.84
CA GLN B 20 -1.49 23.53 3.62
C GLN B 20 -0.37 22.71 4.29
N ARG B 21 0.86 22.92 3.83
CA ARG B 21 2.05 22.27 4.39
C ARG B 21 2.49 23.04 5.62
N PHE B 22 2.66 22.34 6.75
CA PHE B 22 3.01 23.00 8.01
C PHE B 22 3.95 22.09 8.79
N GLY B 23 5.23 22.45 8.79
CA GLY B 23 6.26 21.56 9.26
C GLY B 23 6.18 20.28 8.44
N ASP B 24 6.01 19.15 9.13
CA ASP B 24 5.91 17.83 8.52
C ASP B 24 4.47 17.40 8.29
N LEU B 25 3.53 18.27 8.60
CA LEU B 25 2.11 17.93 8.46
C LEU B 25 1.49 18.58 7.23
N VAL B 26 0.38 18.01 6.77
CA VAL B 26 -0.41 18.61 5.71
C VAL B 26 -1.87 18.71 6.16
N PHE B 27 -2.47 19.89 6.00
CA PHE B 27 -3.91 20.02 6.31
C PHE B 27 -4.72 20.34 5.06
N ARG B 28 -5.86 19.65 4.92
CA ARG B 28 -6.78 19.90 3.81
C ARG B 28 -8.16 20.25 4.35
N GLN B 29 -8.69 21.42 3.98
CA GLN B 29 -10.02 21.79 4.44
C GLN B 29 -11.05 21.00 3.66
N LEU B 30 -11.97 20.35 4.36
CA LEU B 30 -13.01 19.54 3.73
C LEU B 30 -14.37 20.21 3.75
N ALA B 31 -14.53 21.18 4.64
CA ALA B 31 -15.77 21.92 4.81
C ALA B 31 -15.41 23.17 5.58
N PRO B 32 -16.35 24.12 5.68
CA PRO B 32 -16.08 25.35 6.43
C PRO B 32 -15.54 25.08 7.83
N ASN B 33 -16.03 24.02 8.44
CA ASN B 33 -15.67 23.76 9.82
C ASN B 33 -15.00 22.39 10.00
N VAL B 34 -14.42 21.85 8.93
CA VAL B 34 -13.76 20.55 9.02
C VAL B 34 -12.47 20.50 8.19
N TRP B 35 -11.40 20.03 8.82
CA TRP B 35 -10.09 19.89 8.19
C TRP B 35 -9.58 18.49 8.40
N GLN B 36 -8.92 17.95 7.39
CA GLN B 36 -8.23 16.68 7.54
C GLN B 36 -6.78 16.94 7.94
N HIS B 37 -6.29 16.29 8.99
CA HIS B 37 -4.86 16.40 9.29
C HIS B 37 -4.14 15.15 8.83
N THR B 38 -2.98 15.35 8.22
CA THR B 38 -2.21 14.24 7.66
C THR B 38 -0.79 14.27 8.18
N SER B 39 -0.38 13.14 8.73
CA SER B 39 0.99 12.96 9.21
C SER B 39 1.61 11.76 8.52
N TYR B 40 2.94 11.70 8.56
CA TYR B 40 3.67 10.72 7.76
C TYR B 40 4.68 9.92 8.56
N LEU B 41 4.67 8.61 8.37
CA LEU B 41 5.62 7.72 8.99
C LEU B 41 6.57 7.22 7.92
N ASP B 42 7.86 7.43 8.12
CA ASP B 42 8.85 6.97 7.14
C ASP B 42 9.21 5.51 7.43
N MET B 43 8.72 4.60 6.61
CA MET B 43 9.15 3.19 6.68
C MET B 43 10.42 3.00 5.84
N PRO B 44 11.54 2.68 6.50
CA PRO B 44 12.80 2.53 5.75
C PRO B 44 12.66 1.55 4.59
N GLY B 45 13.07 1.97 3.41
CA GLY B 45 13.04 1.13 2.22
C GLY B 45 11.66 1.06 1.56
N PHE B 46 10.66 1.63 2.18
CA PHE B 46 9.29 1.56 1.67
C PHE B 46 8.73 2.96 1.35
N GLY B 47 9.17 3.96 2.12
CA GLY B 47 8.75 5.34 1.93
C GLY B 47 7.68 5.74 2.95
N ALA B 48 7.08 6.91 2.76
CA ALA B 48 6.18 7.46 3.75
C ALA B 48 4.78 6.86 3.69
N VAL B 49 4.20 6.69 4.86
CA VAL B 49 2.83 6.23 5.00
C VAL B 49 2.02 7.34 5.65
N ALA B 50 1.05 7.87 4.92
CA ALA B 50 0.19 8.92 5.43
C ALA B 50 -0.87 8.36 6.37
N SER B 51 -1.13 9.07 7.47
CA SER B 51 -2.31 8.77 8.26
C SER B 51 -3.17 10.05 8.40
N ASN B 52 -4.50 9.91 8.23
CA ASN B 52 -5.42 11.04 8.23
C ASN B 52 -6.29 11.02 9.48
N GLY B 53 -6.55 12.20 10.05
CA GLY B 53 -7.52 12.38 11.11
C GLY B 53 -8.31 13.66 10.82
N LEU B 54 -9.17 14.05 11.74
CA LEU B 54 -10.03 15.22 11.53
C LEU B 54 -9.87 16.26 12.63
N ILE B 55 -10.11 17.50 12.22
CA ILE B 55 -10.18 18.66 13.10
C ILE B 55 -11.54 19.33 12.86
N VAL B 56 -12.37 19.45 13.89
CA VAL B 56 -13.72 19.96 13.69
C VAL B 56 -13.96 21.23 14.49
N ARG B 57 -14.42 22.29 13.84
CA ARG B 57 -14.74 23.49 14.60
C ARG B 57 -16.18 23.43 15.02
N ASP B 58 -16.42 23.60 16.31
CA ASP B 58 -17.77 23.66 16.86
C ASP B 58 -17.98 24.92 17.71
N GLY B 59 -18.34 26.02 17.07
CA GLY B 59 -18.58 27.27 17.77
C GLY B 59 -17.27 27.88 18.24
N GLY B 60 -17.09 27.98 19.56
CA GLY B 60 -15.87 28.55 20.10
C GLY B 60 -14.79 27.55 20.47
N ARG B 61 -14.87 26.33 19.94
CA ARG B 61 -13.91 25.31 20.34
C ARG B 61 -13.70 24.34 19.20
N VAL B 62 -12.70 23.48 19.36
CA VAL B 62 -12.34 22.52 18.36
C VAL B 62 -12.33 21.10 18.94
N LEU B 63 -12.68 20.14 18.09
CA LEU B 63 -12.71 18.73 18.47
C LEU B 63 -11.79 17.98 17.50
N VAL B 64 -10.96 17.08 18.02
CA VAL B 64 -10.03 16.34 17.19
C VAL B 64 -10.38 14.84 17.12
N VAL B 65 -10.27 14.26 15.93
CA VAL B 65 -10.38 12.81 15.78
C VAL B 65 -9.00 12.26 15.36
N ASP B 66 -8.48 11.36 16.19
CA ASP B 66 -7.19 10.68 16.01
C ASP B 66 -5.97 11.57 16.23
N THR B 67 -4.92 10.99 16.81
CA THR B 67 -3.61 11.64 16.89
C THR B 67 -2.86 11.43 15.58
N ALA B 68 -1.69 12.04 15.47
CA ALA B 68 -0.75 11.71 14.41
C ALA B 68 0.03 10.46 14.80
N TRP B 69 1.00 10.05 13.99
CA TRP B 69 1.77 8.85 14.32
C TRP B 69 2.60 9.04 15.58
N THR B 70 3.12 10.25 15.78
CA THR B 70 4.03 10.49 16.89
C THR B 70 3.56 11.65 17.79
N ASP B 71 4.15 11.76 18.97
CA ASP B 71 3.87 12.88 19.86
C ASP B 71 4.29 14.20 19.22
N ASP B 72 5.48 14.21 18.62
CA ASP B 72 5.96 15.45 18.02
C ASP B 72 5.01 15.96 16.94
N GLN B 73 4.56 15.06 16.08
CA GLN B 73 3.62 15.42 15.03
C GLN B 73 2.30 15.90 15.60
N THR B 74 1.87 15.29 16.70
CA THR B 74 0.62 15.65 17.34
C THR B 74 0.72 17.03 18.01
N ALA B 75 1.87 17.30 18.62
CA ALA B 75 2.13 18.65 19.14
C ALA B 75 2.00 19.66 18.01
N GLN B 76 2.55 19.34 16.83
CA GLN B 76 2.47 20.28 15.69
C GLN B 76 1.03 20.52 15.26
N ILE B 77 0.20 19.47 15.29
CA ILE B 77 -1.21 19.62 14.98
C ILE B 77 -1.87 20.64 15.94
N LEU B 78 -1.57 20.50 17.23
CA LEU B 78 -2.11 21.42 18.23
C LEU B 78 -1.59 22.84 17.99
N ASN B 79 -0.32 22.97 17.60
CA ASN B 79 0.21 24.30 17.26
C ASN B 79 -0.58 24.92 16.11
N TRP B 80 -0.77 24.13 15.06
CA TRP B 80 -1.54 24.58 13.91
C TRP B 80 -2.94 25.02 14.32
N ILE B 81 -3.61 24.20 15.12
CA ILE B 81 -4.95 24.57 15.59
C ILE B 81 -4.90 25.91 16.33
N LYS B 82 -3.93 26.05 17.23
CA LYS B 82 -3.86 27.27 18.02
C LYS B 82 -3.56 28.49 17.14
N GLN B 83 -2.72 28.29 16.13
CA GLN B 83 -2.26 29.39 15.29
C GLN B 83 -3.13 29.74 14.07
N GLU B 84 -3.66 28.75 13.36
CA GLU B 84 -4.49 29.09 12.20
C GLU B 84 -5.98 29.16 12.55
N ILE B 85 -6.45 28.26 13.40
CA ILE B 85 -7.87 28.29 13.75
C ILE B 85 -8.15 29.21 14.94
N ASN B 86 -7.21 29.31 15.87
CA ASN B 86 -7.34 30.28 16.96
C ASN B 86 -8.46 29.91 17.93
N LEU B 87 -8.68 28.61 18.10
CA LEU B 87 -9.69 28.11 19.02
C LEU B 87 -9.10 26.97 19.85
N PRO B 88 -9.62 26.78 21.07
CA PRO B 88 -9.16 25.74 21.98
C PRO B 88 -9.72 24.34 21.64
N VAL B 89 -8.90 23.33 21.86
CA VAL B 89 -9.34 21.95 21.64
C VAL B 89 -10.11 21.50 22.87
N ALA B 90 -11.36 21.13 22.68
CA ALA B 90 -12.16 20.71 23.82
C ALA B 90 -11.87 19.26 24.21
N LEU B 91 -11.60 18.43 23.21
CA LEU B 91 -11.39 17.01 23.45
C LEU B 91 -10.96 16.32 22.18
N ALA B 92 -10.35 15.14 22.31
CA ALA B 92 -10.04 14.28 21.19
C ALA B 92 -10.69 12.91 21.35
N VAL B 93 -11.13 12.35 20.23
CA VAL B 93 -11.57 10.96 20.19
C VAL B 93 -10.58 10.18 19.29
N VAL B 94 -10.15 9.01 19.75
CA VAL B 94 -9.23 8.22 18.93
C VAL B 94 -9.90 6.90 18.59
N THR B 95 -9.65 6.41 17.38
CA THR B 95 -10.60 5.44 16.81
C THR B 95 -10.15 3.96 16.93
N HIS B 96 -8.93 3.71 17.42
CA HIS B 96 -8.54 2.40 17.93
C HIS B 96 -7.07 2.42 18.35
N ALA B 97 -6.65 1.37 19.05
CA ALA B 97 -5.33 1.34 19.67
C ALA B 97 -4.21 0.82 18.75
N HIS B 98 -3.89 1.62 17.74
CA HIS B 98 -2.70 1.43 16.93
C HIS B 98 -1.98 2.77 16.80
N GLN B 99 -0.73 2.72 16.39
CA GLN B 99 0.17 3.86 16.35
C GLN B 99 -0.36 4.99 15.49
N ASP B 100 -0.84 4.66 14.30
CA ASP B 100 -1.32 5.73 13.42
C ASP B 100 -2.53 6.49 13.95
N LYS B 101 -3.26 5.93 14.92
CA LYS B 101 -4.42 6.60 15.53
C LYS B 101 -4.17 7.10 16.96
N MET B 102 -3.25 6.47 17.67
CA MET B 102 -3.04 6.80 19.08
C MET B 102 -1.59 7.08 19.47
N GLY B 103 -0.70 7.13 18.49
CA GLY B 103 0.72 7.27 18.79
C GLY B 103 1.10 8.61 19.43
N GLY B 104 0.19 9.58 19.40
CA GLY B 104 0.50 10.92 19.88
C GLY B 104 -0.29 11.31 21.11
N MET B 105 -0.77 10.31 21.85
CA MET B 105 -1.64 10.58 23.00
C MET B 105 -1.01 11.47 24.08
N ASP B 106 0.27 11.25 24.36
CA ASP B 106 0.94 11.98 25.42
C ASP B 106 0.96 13.48 25.11
N ALA B 107 1.10 13.84 23.84
CA ALA B 107 1.08 15.26 23.46
C ALA B 107 -0.28 15.91 23.79
N LEU B 108 -1.36 15.14 23.61
CA LEU B 108 -2.67 15.64 23.96
C LEU B 108 -2.75 15.89 25.46
N HIS B 109 -2.32 14.90 26.23
CA HIS B 109 -2.45 14.96 27.69
C HIS B 109 -1.56 16.06 28.25
N ALA B 110 -0.35 16.16 27.72
CA ALA B 110 0.56 17.22 28.11
C ALA B 110 -0.05 18.60 27.88
N ALA B 111 -0.85 18.72 26.82
CA ALA B 111 -1.50 19.99 26.47
C ALA B 111 -2.79 20.19 27.26
N GLY B 112 -3.12 19.21 28.09
CA GLY B 112 -4.26 19.36 28.98
C GLY B 112 -5.60 19.08 28.31
N ILE B 113 -5.57 18.38 27.20
CA ILE B 113 -6.79 18.05 26.45
C ILE B 113 -7.40 16.73 26.94
N ALA B 114 -8.71 16.71 27.18
CA ALA B 114 -9.39 15.47 27.58
C ALA B 114 -9.50 14.53 26.38
N THR B 115 -9.19 13.26 26.58
CA THR B 115 -9.21 12.29 25.48
C THR B 115 -10.21 11.16 25.76
N TYR B 116 -10.79 10.65 24.69
CA TYR B 116 -11.80 9.61 24.75
C TYR B 116 -11.46 8.50 23.75
N ALA B 117 -11.78 7.27 24.12
CA ALA B 117 -11.59 6.13 23.22
C ALA B 117 -12.55 5.03 23.65
N ASN B 118 -12.87 4.13 22.74
CA ASN B 118 -13.56 2.90 23.11
C ASN B 118 -12.88 2.32 24.36
N ALA B 119 -13.66 1.94 25.37
CA ALA B 119 -13.06 1.28 26.55
C ALA B 119 -12.14 0.13 26.15
N LEU B 120 -12.54 -0.64 25.15
CA LEU B 120 -11.73 -1.75 24.66
C LEU B 120 -10.40 -1.25 24.07
N SER B 121 -10.42 -0.07 23.45
CA SER B 121 -9.19 0.55 22.98
C SER B 121 -8.25 0.88 24.12
N ASN B 122 -8.81 1.38 25.22
CA ASN B 122 -8.02 1.70 26.39
C ASN B 122 -7.49 0.42 27.05
N GLN B 123 -8.24 -0.67 26.95
CA GLN B 123 -7.78 -1.92 27.54
C GLN B 123 -6.65 -2.53 26.71
N LEU B 124 -6.73 -2.38 25.39
CA LEU B 124 -5.68 -2.87 24.50
C LEU B 124 -4.44 -1.96 24.43
N ALA B 125 -4.63 -0.67 24.69
CA ALA B 125 -3.59 0.33 24.51
C ALA B 125 -2.23 -0.09 25.08
N PRO B 126 -2.17 -0.45 26.37
CA PRO B 126 -0.86 -0.87 26.92
C PRO B 126 -0.26 -2.13 26.26
N GLN B 127 -1.10 -3.02 25.74
CA GLN B 127 -0.59 -4.20 25.06
C GLN B 127 -0.04 -3.80 23.70
N GLU B 128 -0.45 -2.63 23.21
CA GLU B 128 0.02 -2.13 21.93
C GLU B 128 1.09 -1.04 22.10
N GLY B 129 1.54 -0.83 23.33
CA GLY B 129 2.53 0.19 23.60
C GLY B 129 1.97 1.58 23.38
N MET B 130 0.65 1.73 23.50
CA MET B 130 0.00 3.03 23.36
C MET B 130 -0.36 3.58 24.73
N VAL B 131 -0.44 4.90 24.86
CA VAL B 131 -1.01 5.52 26.06
C VAL B 131 -2.52 5.51 25.94
N ALA B 132 -3.21 5.00 26.96
CA ALA B 132 -4.67 5.01 26.95
C ALA B 132 -5.24 6.43 27.00
N ALA B 133 -6.43 6.61 26.43
CA ALA B 133 -7.17 7.84 26.64
C ALA B 133 -7.59 7.94 28.11
N GLN B 134 -7.89 9.16 28.55
CA GLN B 134 -8.27 9.43 29.94
C GLN B 134 -9.69 8.96 30.26
N HIS B 135 -10.53 8.84 29.22
CA HIS B 135 -11.93 8.45 29.39
C HIS B 135 -12.31 7.32 28.45
N SER B 136 -13.23 6.48 28.91
CA SER B 136 -13.68 5.37 28.09
C SER B 136 -15.10 5.58 27.59
N LEU B 137 -15.26 5.40 26.28
CA LEU B 137 -16.58 5.32 25.65
C LEU B 137 -17.12 3.92 25.74
N THR B 138 -18.43 3.80 25.98
CA THR B 138 -19.11 2.51 25.88
C THR B 138 -20.24 2.68 24.87
N PHE B 139 -20.77 1.55 24.41
CA PHE B 139 -21.70 1.56 23.29
C PHE B 139 -22.94 0.72 23.53
N ALA B 140 -24.04 1.14 22.90
CA ALA B 140 -25.28 0.39 22.94
C ALA B 140 -25.19 -0.88 22.06
N ALA B 141 -26.16 -1.77 22.21
CA ALA B 141 -26.19 -3.01 21.43
C ALA B 141 -26.28 -2.74 19.93
N ASN B 142 -26.71 -1.54 19.55
CA ASN B 142 -26.85 -1.22 18.14
C ASN B 142 -25.67 -0.44 17.64
N GLY B 143 -24.69 -0.25 18.52
CA GLY B 143 -23.45 0.39 18.10
C GLY B 143 -23.28 1.86 18.46
N TRP B 144 -24.37 2.58 18.70
CA TRP B 144 -24.22 4.01 19.02
C TRP B 144 -23.61 4.23 20.40
N VAL B 145 -22.77 5.25 20.51
CA VAL B 145 -22.13 5.57 21.77
C VAL B 145 -23.19 5.87 22.83
N GLU B 146 -22.91 5.46 24.07
CA GLU B 146 -23.74 5.84 25.21
C GLU B 146 -23.47 7.31 25.58
N PRO B 147 -24.49 8.16 25.47
CA PRO B 147 -24.33 9.60 25.68
C PRO B 147 -23.60 9.96 26.97
N ALA B 148 -23.90 9.26 28.07
CA ALA B 148 -23.32 9.60 29.36
C ALA B 148 -21.79 9.49 29.33
N THR B 149 -21.26 8.71 28.39
CA THR B 149 -19.82 8.51 28.36
C THR B 149 -19.16 9.49 27.38
N ALA B 150 -19.98 10.21 26.62
CA ALA B 150 -19.47 11.18 25.64
C ALA B 150 -20.02 12.58 25.89
N PRO B 151 -19.63 13.19 27.01
CA PRO B 151 -20.19 14.50 27.38
C PRO B 151 -19.73 15.61 26.45
N ASN B 152 -20.67 16.39 25.96
CA ASN B 152 -20.36 17.58 25.19
C ASN B 152 -19.57 17.29 23.93
N PHE B 153 -19.95 16.24 23.23
CA PHE B 153 -19.24 15.89 22.03
C PHE B 153 -19.69 16.77 20.88
N GLY B 154 -20.67 17.63 21.12
CA GLY B 154 -21.18 18.49 20.07
C GLY B 154 -21.55 17.66 18.85
N PRO B 155 -20.99 17.99 17.69
CA PRO B 155 -21.32 17.35 16.41
C PRO B 155 -20.62 16.01 16.18
N LEU B 156 -19.67 15.62 17.02
CA LEU B 156 -19.04 14.33 16.85
C LEU B 156 -20.03 13.23 17.23
N LYS B 157 -20.45 12.46 16.22
CA LYS B 157 -21.41 11.40 16.46
C LYS B 157 -20.68 10.06 16.40
N VAL B 158 -20.42 9.46 17.56
CA VAL B 158 -19.54 8.29 17.60
C VAL B 158 -20.31 6.96 17.49
N PHE B 159 -19.80 6.07 16.65
CA PHE B 159 -20.47 4.80 16.34
C PHE B 159 -19.47 3.68 16.31
N TYR B 160 -19.75 2.63 17.07
CA TYR B 160 -18.97 1.40 17.01
C TYR B 160 -19.67 0.38 16.11
N PRO B 161 -19.07 0.13 14.94
CA PRO B 161 -19.70 -0.70 13.89
C PRO B 161 -19.58 -2.20 14.13
N GLY B 162 -18.81 -2.61 15.13
CA GLY B 162 -18.46 -4.01 15.29
C GLY B 162 -16.99 -4.27 14.93
N PRO B 163 -16.48 -5.45 15.29
CA PRO B 163 -15.08 -5.76 15.00
C PRO B 163 -14.85 -5.87 13.49
N GLY B 164 -13.73 -5.33 13.03
CA GLY B 164 -13.42 -5.31 11.61
C GLY B 164 -11.93 -5.26 11.41
N HIS B 165 -11.42 -4.07 11.13
CA HIS B 165 -9.97 -3.85 11.08
C HIS B 165 -9.33 -4.30 12.40
N THR B 166 -9.94 -3.89 13.51
CA THR B 166 -9.61 -4.43 14.83
C THR B 166 -10.90 -4.70 15.58
N SER B 167 -10.79 -5.32 16.75
CA SER B 167 -11.96 -5.60 17.57
C SER B 167 -12.54 -4.31 18.11
N ASP B 168 -11.69 -3.30 18.25
CA ASP B 168 -12.09 -2.09 18.95
C ASP B 168 -12.38 -0.88 18.06
N ASN B 169 -12.20 -1.02 16.74
CA ASN B 169 -12.28 0.17 15.89
C ASN B 169 -13.63 0.88 15.96
N ILE B 170 -13.58 2.20 16.11
CA ILE B 170 -14.79 3.00 16.08
C ILE B 170 -14.75 4.00 14.93
N THR B 171 -15.88 4.65 14.69
CA THR B 171 -16.09 5.55 13.57
C THR B 171 -16.80 6.80 14.06
N VAL B 172 -16.78 7.87 13.26
CA VAL B 172 -17.32 9.16 13.71
C VAL B 172 -18.00 9.91 12.58
N GLY B 173 -19.28 10.25 12.75
CA GLY B 173 -19.95 11.13 11.80
C GLY B 173 -19.85 12.58 12.26
N ILE B 174 -19.81 13.52 11.31
CA ILE B 174 -19.87 14.93 11.71
C ILE B 174 -21.26 15.51 11.47
N ASP B 175 -22.03 15.68 12.57
CA ASP B 175 -23.38 16.24 12.48
C ASP B 175 -23.33 17.63 11.90
N GLY B 176 -24.34 17.97 11.12
CA GLY B 176 -24.41 19.25 10.47
C GLY B 176 -23.51 19.28 9.24
N THR B 177 -23.06 18.11 8.81
CA THR B 177 -22.30 17.99 7.58
C THR B 177 -22.61 16.70 6.86
N ASP B 178 -22.06 16.51 5.67
CA ASP B 178 -22.26 15.25 5.00
C ASP B 178 -20.98 14.41 5.04
N ILE B 179 -20.22 14.54 6.11
CA ILE B 179 -18.97 13.82 6.29
C ILE B 179 -19.07 12.73 7.36
N ALA B 180 -18.51 11.56 7.07
CA ALA B 180 -18.33 10.55 8.10
C ALA B 180 -16.91 9.96 8.01
N PHE B 181 -16.34 9.59 9.16
CA PHE B 181 -14.96 9.15 9.23
C PHE B 181 -14.90 7.66 9.59
N GLY B 182 -14.32 6.85 8.71
CA GLY B 182 -14.26 5.41 8.90
C GLY B 182 -12.92 4.91 9.41
N GLY B 183 -11.96 5.81 9.61
CA GLY B 183 -10.67 5.44 10.16
C GLY B 183 -9.97 4.40 9.33
N CYS B 184 -9.35 3.40 9.95
CA CYS B 184 -8.67 2.36 9.17
C CYS B 184 -9.58 1.21 8.79
N LEU B 185 -10.82 1.26 9.26
CA LEU B 185 -11.82 0.24 8.91
C LEU B 185 -12.14 0.27 7.43
N ILE B 186 -12.28 1.48 6.89
CA ILE B 186 -12.70 1.68 5.51
C ILE B 186 -11.52 1.96 4.60
N LYS B 187 -11.46 1.26 3.48
CA LYS B 187 -10.42 1.50 2.48
C LYS B 187 -11.05 2.12 1.25
N ASP B 188 -10.22 2.64 0.35
CA ASP B 188 -10.76 3.45 -0.75
C ASP B 188 -11.48 2.59 -1.78
N SER B 189 -12.35 3.22 -2.56
CA SER B 189 -13.21 2.49 -3.49
C SER B 189 -12.46 1.72 -4.57
N LYS B 190 -11.17 1.98 -4.70
CA LYS B 190 -10.38 1.25 -5.68
C LYS B 190 -9.25 0.43 -5.03
N ALA B 191 -9.38 0.15 -3.73
CA ALA B 191 -8.33 -0.57 -2.99
C ALA B 191 -8.19 -2.00 -3.48
N LYS B 192 -6.96 -2.51 -3.53
CA LYS B 192 -6.79 -3.89 -3.91
C LYS B 192 -6.71 -4.77 -2.67
N SER B 193 -6.67 -4.14 -1.50
CA SER B 193 -6.63 -4.89 -0.25
C SER B 193 -7.22 -4.10 0.91
N LEU B 194 -7.39 -4.79 2.03
CA LEU B 194 -7.97 -4.20 3.21
C LEU B 194 -6.91 -3.70 4.17
N GLY B 195 -5.66 -3.59 3.70
CA GLY B 195 -4.55 -3.19 4.54
C GLY B 195 -4.14 -4.25 5.55
N ASN B 196 -3.64 -3.85 6.71
CA ASN B 196 -3.17 -4.85 7.67
C ASN B 196 -4.36 -5.58 8.31
N LEU B 197 -4.46 -6.88 8.03
CA LEU B 197 -5.51 -7.74 8.56
C LEU B 197 -5.03 -8.56 9.77
N GLY B 198 -3.83 -8.26 10.24
CA GLY B 198 -3.24 -9.00 11.35
C GLY B 198 -4.07 -9.06 12.64
N ASP B 199 -4.84 -8.01 12.91
CA ASP B 199 -5.67 -7.94 14.11
C ASP B 199 -7.15 -7.97 13.74
N ALA B 200 -7.43 -8.26 12.48
CA ALA B 200 -8.80 -8.21 11.93
C ALA B 200 -9.71 -9.36 12.35
N ASP B 201 -11.00 -9.05 12.46
CA ASP B 201 -12.05 -10.05 12.63
C ASP B 201 -12.62 -10.38 11.24
N THR B 202 -12.00 -11.31 10.53
CA THR B 202 -12.33 -11.55 9.13
C THR B 202 -13.77 -12.02 8.96
N GLU B 203 -14.32 -12.68 9.96
CA GLU B 203 -15.71 -13.12 9.90
C GLU B 203 -16.71 -11.96 9.92
N HIS B 204 -16.43 -10.92 10.69
CA HIS B 204 -17.39 -9.83 10.90
C HIS B 204 -17.09 -8.51 10.16
N TYR B 205 -15.93 -8.43 9.52
CA TYR B 205 -15.50 -7.21 8.85
C TYR B 205 -16.56 -6.66 7.89
N ALA B 206 -17.13 -7.51 7.05
CA ALA B 206 -18.06 -7.03 6.03
C ALA B 206 -19.31 -6.42 6.68
N ALA B 207 -19.82 -7.09 7.70
CA ALA B 207 -21.02 -6.59 8.40
C ALA B 207 -20.71 -5.27 9.12
N SER B 208 -19.52 -5.14 9.67
CA SER B 208 -19.18 -3.91 10.38
C SER B 208 -19.01 -2.74 9.40
N ALA B 209 -18.42 -3.00 8.23
CA ALA B 209 -18.32 -1.98 7.20
C ALA B 209 -19.71 -1.54 6.75
N ARG B 210 -20.64 -2.47 6.56
CA ARG B 210 -21.98 -2.12 6.14
C ARG B 210 -22.74 -1.41 7.26
N ALA B 211 -22.48 -1.83 8.50
CA ALA B 211 -23.04 -1.16 9.67
C ALA B 211 -22.67 0.33 9.69
N PHE B 212 -21.41 0.62 9.39
CA PHE B 212 -20.94 2.01 9.35
C PHE B 212 -21.76 2.79 8.31
N GLY B 213 -21.91 2.21 7.12
CA GLY B 213 -22.68 2.86 6.08
C GLY B 213 -24.10 3.11 6.54
N ALA B 214 -24.67 2.12 7.23
CA ALA B 214 -26.05 2.21 7.69
C ALA B 214 -26.21 3.22 8.82
N ALA B 215 -25.16 3.42 9.61
CA ALA B 215 -25.21 4.38 10.72
C ALA B 215 -25.20 5.82 10.22
N PHE B 216 -24.52 6.07 9.09
CA PHE B 216 -24.41 7.42 8.52
C PHE B 216 -24.91 7.40 7.07
N PRO B 217 -26.21 7.10 6.90
CA PRO B 217 -26.78 6.76 5.59
C PRO B 217 -26.71 7.90 4.56
N LYS B 218 -26.67 9.15 5.01
CA LYS B 218 -26.69 10.28 4.09
C LYS B 218 -25.30 10.84 3.82
N ALA B 219 -24.30 10.38 4.56
CA ALA B 219 -22.94 10.89 4.39
C ALA B 219 -22.47 10.61 2.97
N SER B 220 -22.05 11.66 2.27
CA SER B 220 -21.58 11.56 0.89
C SER B 220 -20.06 11.58 0.81
N MET B 221 -19.43 12.23 1.78
CA MET B 221 -17.96 12.32 1.84
C MET B 221 -17.42 11.40 2.93
N ILE B 222 -16.69 10.36 2.54
CA ILE B 222 -16.20 9.38 3.50
C ILE B 222 -14.71 9.58 3.71
N VAL B 223 -14.32 9.97 4.91
CA VAL B 223 -12.90 10.21 5.21
C VAL B 223 -12.34 8.92 5.80
N MET B 224 -11.10 8.60 5.45
CA MET B 224 -10.47 7.40 5.96
C MET B 224 -8.98 7.64 6.24
N SER B 225 -8.34 6.70 6.93
CA SER B 225 -6.98 6.93 7.45
C SER B 225 -5.90 7.05 6.37
N HIS B 226 -6.06 6.33 5.25
CA HIS B 226 -4.89 6.23 4.37
C HIS B 226 -5.19 6.49 2.91
N SER B 227 -6.29 7.17 2.63
CA SER B 227 -6.59 7.64 1.28
C SER B 227 -7.29 8.95 1.36
N ALA B 228 -7.40 9.63 0.24
CA ALA B 228 -8.11 10.91 0.22
C ALA B 228 -9.60 10.64 0.39
N PRO B 229 -10.34 11.65 0.87
CA PRO B 229 -11.79 11.54 1.02
C PRO B 229 -12.45 10.94 -0.24
N ASP B 230 -13.43 10.05 -0.05
CA ASP B 230 -13.97 9.25 -1.15
C ASP B 230 -15.49 9.23 -1.11
N SER B 231 -16.10 8.62 -2.12
CA SER B 231 -17.54 8.43 -2.15
C SER B 231 -17.96 7.27 -1.25
N ARG B 232 -19.27 7.05 -1.11
CA ARG B 232 -19.77 5.85 -0.44
C ARG B 232 -19.32 4.52 -1.06
N ALA B 233 -18.84 4.55 -2.31
CA ALA B 233 -18.28 3.35 -2.91
C ALA B 233 -17.10 2.82 -2.10
N ALA B 234 -16.50 3.65 -1.26
CA ALA B 234 -15.42 3.20 -0.38
C ALA B 234 -15.97 2.20 0.64
N ILE B 235 -17.16 2.51 1.16
CA ILE B 235 -17.83 1.63 2.09
C ILE B 235 -18.26 0.32 1.43
N THR B 236 -18.87 0.40 0.26
CA THR B 236 -19.40 -0.83 -0.34
C THR B 236 -18.30 -1.69 -0.96
N HIS B 237 -17.25 -1.06 -1.50
CA HIS B 237 -16.10 -1.82 -1.98
C HIS B 237 -15.36 -2.50 -0.83
N THR B 238 -15.22 -1.78 0.28
CA THR B 238 -14.56 -2.34 1.47
C THR B 238 -15.32 -3.57 1.93
N ALA B 239 -16.65 -3.43 2.01
CA ALA B 239 -17.53 -4.54 2.36
C ALA B 239 -17.41 -5.70 1.35
N ARG B 240 -17.33 -5.39 0.05
CA ARG B 240 -17.16 -6.45 -0.95
C ARG B 240 -15.85 -7.22 -0.75
N MET B 241 -14.76 -6.48 -0.51
CA MET B 241 -13.47 -7.11 -0.25
C MET B 241 -13.56 -7.99 1.00
N ALA B 242 -14.27 -7.48 2.00
CA ALA B 242 -14.40 -8.19 3.26
C ALA B 242 -15.25 -9.46 3.07
N ASP B 243 -16.22 -9.40 2.17
CA ASP B 243 -17.07 -10.55 1.88
C ASP B 243 -16.23 -11.75 1.46
N LYS B 244 -15.14 -11.48 0.75
CA LYS B 244 -14.22 -12.51 0.27
C LYS B 244 -13.33 -13.07 1.40
N LEU B 245 -13.47 -12.56 2.62
CA LEU B 245 -12.67 -13.07 3.75
C LEU B 245 -13.31 -14.28 4.39
N ARG B 246 -14.65 -14.30 4.40
CA ARG B 246 -15.41 -15.39 4.98
C ARG B 246 -15.84 -16.39 3.91
ZN ZN C . 12.20 -0.95 -6.51
ZN ZN D . 8.30 -3.06 -5.79
OAK 3S3 E . 12.25 -3.91 -1.64
CAI 3S3 E . 12.05 -2.85 -1.03
CAG 3S3 E . 12.41 -2.67 0.46
CAF 3S3 E . 11.29 -2.80 1.32
CAA 3S3 E . 11.42 -2.36 2.64
CAB 3S3 E . 10.37 -2.46 3.54
CAC 3S3 E . 9.16 -2.99 3.13
CAD 3S3 E . 9.01 -3.42 1.81
CAE 3S3 E . 10.07 -3.33 0.91
NAH 3S3 E . 13.43 -3.63 0.86
N 3S3 E . 11.49 -1.78 -1.57
CA 3S3 E . 11.04 -1.65 -2.96
C 3S3 E . 11.32 -0.21 -3.38
OXT 3S3 E . 11.81 0.59 -2.54
O 3S3 E . 11.04 0.09 -4.54
CB 3S3 E . 9.53 -1.97 -3.04
NAQ 3S3 E . 8.87 -1.34 -4.20
SAU 3S3 E . 8.64 -1.39 -1.59
CAT 3S3 E . 7.04 -1.95 -2.10
CAS 3S3 E . 6.69 -0.89 -3.11
CAY 3S3 E . 6.59 0.47 -2.38
CAR 3S3 E . 7.60 -0.88 -4.20
CAV 3S3 E . 7.08 -0.43 -5.41
OAW 3S3 E . 7.12 -1.20 -6.39
OAX 3S3 E . 6.57 0.72 -5.53
HAG 3S3 E . 12.80 -1.66 0.58
HAA 3S3 E . 12.37 -1.94 2.97
HAB 3S3 E . 10.49 -2.11 4.57
HAC 3S3 E . 8.32 -3.07 3.83
HAD 3S3 E . 8.06 -3.85 1.49
HAE 3S3 E . 9.95 -3.67 -0.12
HBP 3S3 E . 13.68 -3.47 1.81
HAH 3S3 E . 13.07 -4.56 0.75
HBO 3S3 E . 14.24 -3.51 0.27
H 3S3 E . 11.36 -0.99 -0.98
HA 3S3 E . 11.60 -2.33 -3.60
HB 3S3 E . 9.40 -3.05 -3.10
HBL 3S3 E . 6.33 -1.91 -1.28
HAT 3S3 E . 7.09 -2.94 -2.53
HAS 3S3 E . 5.70 -1.12 -3.50
HBN 3S3 E . 5.84 0.40 -1.58
HBM 3S3 E . 6.27 1.23 -3.09
HAY 3S3 E . 7.55 0.73 -1.96
ZN ZN F . -5.00 -0.34 13.06
ZN ZN G . -4.16 2.42 9.54
OAK 3S3 H . 0.38 1.55 13.19
CAI 3S3 H . 0.73 0.46 12.74
CAG 3S3 H . 2.16 -0.07 13.01
CAF 3S3 H . 3.05 0.09 11.94
CAA 3S3 H . 4.21 -0.67 11.95
CAB 3S3 H . 5.14 -0.57 10.92
CAC 3S3 H . 4.91 0.31 9.87
CAD 3S3 H . 3.75 1.08 9.86
CAE 3S3 H . 2.82 0.98 10.89
NAH 3S3 H . 2.72 0.61 14.19
N 3S3 H . -0.05 -0.33 12.02
CA 3S3 H . -1.45 -0.01 11.70
C 3S3 H . -2.23 -1.34 11.73
OXT 3S3 H . -1.60 -2.38 11.98
O 3S3 H . -3.45 -1.29 11.52
CB 3S3 H . -1.54 0.67 10.32
NAQ 3S3 H . -2.85 0.44 9.67
SAU 3S3 H . -0.25 0.12 9.16
CAT 3S3 H . -0.76 1.11 7.78
CAS 3S3 H . -1.94 0.32 7.34
CAY 3S3 H . -1.48 -1.09 6.91
CAR 3S3 H . -2.97 0.26 8.33
CAV 3S3 H . -4.25 0.06 7.85
OAW 3S3 H . -5.13 0.90 8.13
OAX 3S3 H . -4.50 -0.94 7.14
HAG 3S3 H . 2.08 -1.14 13.23
HAA 3S3 H . 4.39 -1.37 12.77
HAB 3S3 H . 6.04 -1.17 10.93
HAC 3S3 H . 5.63 0.40 9.06
HAD 3S3 H . 3.57 1.76 9.04
HAE 3S3 H . 1.91 1.58 10.87
HBP 3S3 H . 3.62 0.24 14.39
HAH 3S3 H . 2.80 1.59 14.00
HBO 3S3 H . 2.12 0.47 14.97
H 3S3 H . 0.31 -1.20 11.70
HA 3S3 H . -1.86 0.66 12.45
HB 3S3 H . -1.41 1.74 10.46
HBL 3S3 H . 0.00 1.10 6.99
HAT 3S3 H . -1.01 2.13 8.07
HAS 3S3 H . -2.36 0.80 6.46
HBN 3S3 H . -0.73 -1.00 6.12
HBM 3S3 H . -2.34 -1.65 6.54
HAY 3S3 H . -1.05 -1.61 7.76
#